data_3L5J
#
_entry.id   3L5J
#
_cell.length_a   102.936
_cell.length_b   89.221
_cell.length_c   106.877
_cell.angle_alpha   90.000
_cell.angle_beta   117.720
_cell.angle_gamma   90.000
#
_symmetry.space_group_name_H-M   'C 1 2 1'
#
loop_
_entity.id
_entity.type
_entity.pdbx_description
1 polymer 'Interleukin-6 receptor subunit beta'
2 non-polymer 1,2-ETHANEDIOL
3 non-polymer 'CHLORIDE ION'
4 water water
#
_entity_poly.entity_id   1
_entity_poly.type   'polypeptide(L)'
_entity_poly.pdbx_seq_one_letter_code
;EDRPSKAPSFWYKIDPSHTQGYRTVQLVWKTLPPFEANGKILDYEVTLTRWKSHLQNYTVNATKLTVNLTNDRYLATLTV
RNLVGKSDAAVLTIPACDFQATHPVMDLKAFPKDNMLWVEWTTPRESVKKYILEWCVLSDKAPCITDWQQEDGTVHRTYL
RGNLAESKCYLITVTPVYADGPGSPESIKAYLKQAPPSKGPTVRTKKVGKNEAVLEWDQLPVDVQNGFIRNYTIFYRTII
GNETAVNVDSSHTEYTLSSLTSDTLYMVRMAAYTDEGGKDGPEFTFTT
;
_entity_poly.pdbx_strand_id   A,B
#
loop_
_chem_comp.id
_chem_comp.type
_chem_comp.name
_chem_comp.formula
CL non-polymer 'CHLORIDE ION' 'Cl -1'
EDO non-polymer 1,2-ETHANEDIOL 'C2 H6 O2'
#
# COMPACT_ATOMS: atom_id res chain seq x y z
N GLU A 1 29.02 -27.14 -29.39
CA GLU A 1 28.32 -27.05 -28.11
C GLU A 1 26.85 -27.41 -28.31
N ASP A 2 26.00 -26.90 -27.42
CA ASP A 2 24.56 -27.04 -27.53
C ASP A 2 23.79 -26.06 -26.65
N ARG A 3 22.53 -25.84 -26.99
CA ARG A 3 21.67 -24.89 -26.28
C ARG A 3 21.47 -25.33 -24.83
N PRO A 4 21.03 -24.40 -23.97
CA PRO A 4 20.81 -24.69 -22.54
C PRO A 4 19.97 -25.94 -22.31
N SER A 5 20.51 -26.86 -21.52
CA SER A 5 19.88 -28.16 -21.28
C SER A 5 18.51 -28.06 -20.59
N LYS A 6 18.32 -26.99 -19.82
CA LYS A 6 17.16 -26.90 -18.94
C LYS A 6 16.49 -25.54 -19.06
N ALA A 7 15.20 -25.49 -18.73
CA ALA A 7 14.50 -24.21 -18.61
C ALA A 7 14.68 -23.69 -17.20
N PRO A 8 14.91 -22.38 -17.06
CA PRO A 8 15.22 -21.77 -15.76
C PRO A 8 14.08 -21.95 -14.76
N SER A 9 14.41 -21.87 -13.47
CA SER A 9 13.37 -21.79 -12.45
C SER A 9 12.64 -20.48 -12.63
N PHE A 10 11.32 -20.52 -12.48
CA PHE A 10 10.48 -19.40 -12.91
C PHE A 10 9.32 -19.18 -11.94
N TRP A 11 9.21 -17.96 -11.43
CA TRP A 11 8.14 -17.62 -10.50
C TRP A 11 7.87 -16.12 -10.49
N TYR A 12 6.93 -15.67 -9.65
CA TYR A 12 6.48 -14.28 -9.68
C TYR A 12 5.94 -13.78 -8.35
N LYS A 13 5.90 -12.46 -8.20
CA LYS A 13 5.31 -11.82 -7.03
C LYS A 13 4.44 -10.65 -7.49
N ILE A 14 3.23 -10.55 -6.95
CA ILE A 14 2.26 -9.56 -7.40
C ILE A 14 1.56 -8.81 -6.27
N ASP A 15 1.31 -7.53 -6.48
CA ASP A 15 0.59 -6.70 -5.52
C ASP A 15 0.24 -5.34 -6.13
N PRO A 16 -0.99 -4.86 -5.88
CA PRO A 16 -1.46 -3.59 -6.42
C PRO A 16 -0.56 -2.42 -6.04
N TYR A 22 -5.88 -2.90 -12.39
CA TYR A 22 -4.47 -3.13 -12.72
C TYR A 22 -3.68 -3.58 -11.49
N ARG A 23 -2.58 -4.29 -11.75
CA ARG A 23 -1.72 -4.81 -10.69
C ARG A 23 -0.30 -4.91 -11.19
N THR A 24 0.67 -4.76 -10.29
CA THR A 24 2.07 -4.83 -10.68
C THR A 24 2.70 -6.18 -10.39
N VAL A 25 3.18 -6.84 -11.43
CA VAL A 25 3.77 -8.17 -11.31
C VAL A 25 5.28 -8.14 -11.53
N GLN A 26 6.02 -8.76 -10.62
CA GLN A 26 7.47 -8.81 -10.75
C GLN A 26 7.94 -10.23 -11.07
N LEU A 27 8.06 -10.53 -12.36
CA LEU A 27 8.55 -11.83 -12.79
C LEU A 27 10.00 -12.02 -12.38
N VAL A 28 10.32 -13.20 -11.87
CA VAL A 28 11.69 -13.48 -11.41
C VAL A 28 12.13 -14.87 -11.84
N TRP A 29 13.43 -15.04 -12.03
CA TRP A 29 13.98 -16.35 -12.36
C TRP A 29 15.39 -16.53 -11.82
N LYS A 30 15.92 -17.74 -11.99
CA LYS A 30 17.22 -18.11 -11.43
C LYS A 30 18.29 -18.22 -12.52
N THR A 31 19.56 -18.07 -12.14
CA THR A 31 20.65 -18.18 -13.10
C THR A 31 21.08 -19.63 -13.29
N LEU A 32 20.91 -20.12 -14.51
CA LEU A 32 21.23 -21.50 -14.85
C LEU A 32 22.72 -21.79 -14.66
N PRO A 33 23.04 -22.90 -13.98
CA PRO A 33 24.44 -23.31 -13.78
C PRO A 33 25.14 -23.58 -15.12
N PRO A 34 26.45 -23.34 -15.18
CA PRO A 34 27.24 -23.51 -16.40
C PRO A 34 27.02 -24.87 -17.07
N PHE A 35 26.91 -25.92 -16.28
CA PHE A 35 26.74 -27.27 -16.82
C PHE A 35 25.32 -27.52 -17.35
N GLU A 36 24.47 -26.50 -17.26
CA GLU A 36 23.13 -26.58 -17.81
C GLU A 36 22.94 -25.46 -18.84
N ALA A 37 23.58 -24.33 -18.59
CA ALA A 37 23.55 -23.21 -19.52
C ALA A 37 24.30 -23.59 -20.79
N ASN A 38 25.31 -24.45 -20.63
CA ASN A 38 26.09 -24.96 -21.76
C ASN A 38 26.81 -23.85 -22.53
N GLY A 39 27.02 -22.72 -21.88
CA GLY A 39 27.71 -21.61 -22.50
C GLY A 39 27.38 -20.27 -21.88
N LYS A 40 28.06 -19.22 -22.33
CA LYS A 40 27.80 -17.87 -21.85
C LYS A 40 26.34 -17.49 -22.11
N ILE A 41 25.68 -16.95 -21.09
CA ILE A 41 24.28 -16.60 -21.20
C ILE A 41 24.10 -15.17 -21.72
N LEU A 42 23.57 -15.05 -22.93
CA LEU A 42 23.45 -13.77 -23.60
C LEU A 42 22.24 -12.98 -23.11
N ASP A 43 21.09 -13.64 -22.98
CA ASP A 43 19.89 -12.99 -22.47
C ASP A 43 18.76 -13.98 -22.18
N TYR A 44 17.61 -13.44 -21.80
CA TYR A 44 16.42 -14.24 -21.54
C TYR A 44 15.25 -13.63 -22.31
N GLU A 45 14.34 -14.47 -22.80
CA GLU A 45 13.15 -13.96 -23.46
C GLU A 45 11.86 -14.28 -22.71
N VAL A 46 11.09 -13.24 -22.38
CA VAL A 46 9.83 -13.39 -21.68
C VAL A 46 8.66 -13.03 -22.59
N THR A 47 7.57 -13.77 -22.49
CA THR A 47 6.34 -13.40 -23.18
C THR A 47 5.18 -13.46 -22.20
N LEU A 48 4.21 -12.54 -22.36
CA LEU A 48 3.03 -12.52 -21.51
C LEU A 48 1.79 -12.32 -22.36
N THR A 49 0.90 -13.32 -22.37
CA THR A 49 -0.34 -13.19 -23.13
C THR A 49 -1.55 -12.99 -22.22
N ARG A 50 -2.06 -11.77 -22.19
CA ARG A 50 -3.30 -11.48 -21.50
C ARG A 50 -4.40 -12.31 -22.13
N TRP A 51 -5.09 -13.10 -21.32
CA TRP A 51 -6.10 -14.04 -21.82
C TRP A 51 -6.96 -13.45 -22.93
N LYS A 52 -7.01 -14.16 -24.06
CA LYS A 52 -7.84 -13.77 -25.20
C LYS A 52 -7.33 -12.51 -25.90
N SER A 53 -6.09 -12.12 -25.63
CA SER A 53 -5.51 -10.93 -26.25
C SER A 53 -4.21 -11.26 -26.98
N HIS A 54 -3.40 -10.22 -27.20
CA HIS A 54 -2.16 -10.36 -27.96
C HIS A 54 -0.97 -10.75 -27.08
N LEU A 55 0.06 -11.31 -27.71
CA LEU A 55 1.26 -11.73 -27.00
C LEU A 55 2.24 -10.58 -26.88
N GLN A 56 2.64 -10.26 -25.64
CA GLN A 56 3.65 -9.26 -25.38
C GLN A 56 4.98 -9.96 -25.14
N ASN A 57 6.09 -9.30 -25.46
CA ASN A 57 7.40 -9.93 -25.28
C ASN A 57 8.49 -8.95 -24.86
N TYR A 58 9.46 -9.47 -24.11
CA TYR A 58 10.60 -8.66 -23.67
C TYR A 58 11.85 -9.53 -23.61
N THR A 59 12.98 -8.96 -24.01
CA THR A 59 14.27 -9.63 -23.87
C THR A 59 15.16 -8.82 -22.95
N VAL A 60 15.70 -9.46 -21.92
CA VAL A 60 16.51 -8.78 -20.92
C VAL A 60 17.73 -9.62 -20.53
N ASN A 61 18.77 -8.95 -20.07
CA ASN A 61 19.93 -9.66 -19.51
C ASN A 61 19.97 -9.51 -17.99
N ALA A 62 18.83 -9.76 -17.36
CA ALA A 62 18.73 -9.73 -15.90
C ALA A 62 17.96 -10.95 -15.41
N THR A 63 17.65 -10.99 -14.12
CA THR A 63 16.94 -12.12 -13.54
C THR A 63 15.62 -11.70 -12.89
N LYS A 64 15.05 -10.61 -13.39
CA LYS A 64 13.77 -10.10 -12.91
C LYS A 64 13.16 -9.21 -13.97
N LEU A 65 11.85 -9.01 -13.89
CA LEU A 65 11.13 -8.15 -14.83
C LEU A 65 9.85 -7.63 -14.18
N THR A 66 9.67 -6.32 -14.21
CA THR A 66 8.48 -5.73 -13.60
C THR A 66 7.56 -5.14 -14.65
N VAL A 67 6.28 -5.48 -14.57
CA VAL A 67 5.30 -5.01 -15.55
C VAL A 67 3.98 -4.67 -14.87
N ASN A 68 3.18 -3.84 -15.54
CA ASN A 68 1.83 -3.54 -15.08
C ASN A 68 0.82 -4.36 -15.87
N LEU A 69 0.19 -5.32 -15.20
CA LEU A 69 -0.77 -6.18 -15.88
C LEU A 69 -2.20 -5.80 -15.53
N THR A 70 -3.15 -6.38 -16.25
CA THR A 70 -4.56 -6.23 -15.93
C THR A 70 -4.95 -7.33 -14.95
N ASN A 71 -6.10 -7.18 -14.32
CA ASN A 71 -6.58 -8.19 -13.37
C ASN A 71 -7.06 -9.44 -14.09
N ASP A 72 -6.77 -9.54 -15.38
CA ASP A 72 -7.06 -10.73 -16.15
C ASP A 72 -5.99 -11.79 -15.96
N ARG A 73 -6.16 -12.92 -16.63
CA ARG A 73 -5.19 -14.01 -16.56
C ARG A 73 -4.06 -13.81 -17.57
N TYR A 74 -2.89 -14.36 -17.28
CA TYR A 74 -1.75 -14.28 -18.18
C TYR A 74 -1.00 -15.60 -18.22
N LEU A 75 -0.57 -15.99 -19.42
CA LEU A 75 0.35 -17.11 -19.57
C LEU A 75 1.75 -16.55 -19.80
N ALA A 76 2.69 -16.94 -18.94
CA ALA A 76 4.06 -16.45 -19.04
C ALA A 76 4.99 -17.53 -19.56
N THR A 77 5.99 -17.13 -20.34
CA THR A 77 7.02 -18.06 -20.82
C THR A 77 8.39 -17.41 -20.68
N LEU A 78 9.40 -18.23 -20.41
CA LEU A 78 10.76 -17.75 -20.22
C LEU A 78 11.78 -18.70 -20.82
N THR A 79 12.66 -18.17 -21.67
CA THR A 79 13.72 -18.98 -22.27
C THR A 79 15.06 -18.29 -22.16
N VAL A 80 16.01 -18.96 -21.50
CA VAL A 80 17.38 -18.47 -21.43
C VAL A 80 18.09 -18.82 -22.72
N ARG A 81 18.91 -17.89 -23.22
CA ARG A 81 19.53 -18.08 -24.53
C ARG A 81 21.05 -17.98 -24.52
N ASN A 82 21.70 -19.00 -25.06
CA ASN A 82 23.14 -18.96 -25.32
C ASN A 82 23.39 -18.89 -26.83
N LEU A 83 24.65 -19.01 -27.23
CA LEU A 83 25.01 -18.91 -28.64
C LEU A 83 24.33 -19.94 -29.53
N VAL A 84 24.40 -21.20 -29.13
CA VAL A 84 23.84 -22.29 -29.93
C VAL A 84 22.33 -22.13 -30.15
N GLY A 85 21.64 -21.58 -29.16
CA GLY A 85 20.20 -21.39 -29.27
C GLY A 85 19.51 -21.07 -27.96
N LYS A 86 18.20 -21.31 -27.93
CA LYS A 86 17.41 -20.99 -26.76
C LYS A 86 16.92 -22.24 -26.04
N SER A 87 16.92 -22.20 -24.71
CA SER A 87 16.43 -23.31 -23.90
C SER A 87 14.93 -23.47 -24.09
N ASP A 88 14.40 -24.61 -23.69
CA ASP A 88 12.97 -24.81 -23.66
C ASP A 88 12.36 -23.71 -22.79
N ALA A 89 11.08 -23.42 -22.99
CA ALA A 89 10.41 -22.39 -22.21
C ALA A 89 9.96 -22.92 -20.86
N ALA A 90 9.97 -22.05 -19.86
CA ALA A 90 9.37 -22.38 -18.57
C ALA A 90 8.05 -21.62 -18.48
N VAL A 91 6.96 -22.34 -18.27
CA VAL A 91 5.64 -21.74 -18.28
C VAL A 91 5.09 -21.37 -16.89
N LEU A 92 4.42 -20.23 -16.81
CA LEU A 92 3.69 -19.84 -15.61
C LEU A 92 2.25 -19.52 -15.99
N THR A 93 1.35 -19.65 -15.03
CA THR A 93 0.00 -19.13 -15.19
C THR A 93 -0.23 -18.09 -14.11
N ILE A 94 -0.41 -16.84 -14.53
CA ILE A 94 -0.74 -15.76 -13.60
C ILE A 94 -2.26 -15.67 -13.52
N PRO A 95 -2.84 -16.24 -12.45
CA PRO A 95 -4.29 -16.41 -12.28
C PRO A 95 -5.06 -15.10 -12.29
N ALA A 96 -6.25 -15.11 -12.89
CA ALA A 96 -7.12 -13.95 -12.90
C ALA A 96 -7.33 -13.47 -11.46
N CYS A 97 -7.49 -12.16 -11.30
CA CYS A 97 -7.65 -11.56 -9.99
C CYS A 97 -8.67 -12.30 -9.11
N ASP A 98 -9.72 -12.83 -9.72
CA ASP A 98 -10.79 -13.47 -8.97
C ASP A 98 -10.55 -14.97 -8.77
N PHE A 99 -9.28 -15.37 -8.80
CA PHE A 99 -8.92 -16.78 -8.65
C PHE A 99 -8.95 -17.20 -7.19
N GLN A 100 -9.36 -18.44 -6.95
CA GLN A 100 -9.41 -18.99 -5.60
C GLN A 100 -8.52 -20.22 -5.48
N ALA A 101 -7.44 -20.08 -4.70
CA ALA A 101 -6.49 -21.17 -4.52
C ALA A 101 -6.94 -22.16 -3.46
N THR A 102 -6.55 -23.42 -3.64
CA THR A 102 -6.89 -24.47 -2.68
C THR A 102 -5.76 -25.50 -2.60
N HIS A 103 -6.04 -26.63 -1.96
CA HIS A 103 -5.09 -27.73 -1.90
C HIS A 103 -3.71 -27.34 -1.35
N PRO A 104 -3.65 -26.87 -0.10
CA PRO A 104 -2.35 -26.53 0.51
C PRO A 104 -1.56 -27.79 0.82
N VAL A 105 -0.36 -27.63 1.37
CA VAL A 105 0.40 -28.78 1.83
C VAL A 105 0.05 -29.07 3.28
N MET A 106 0.26 -30.32 3.70
CA MET A 106 -0.11 -30.75 5.04
C MET A 106 1.11 -31.10 5.88
N ASP A 107 1.02 -30.85 7.18
CA ASP A 107 2.06 -31.26 8.12
C ASP A 107 3.40 -30.61 7.80
N LEU A 108 3.35 -29.38 7.29
CA LEU A 108 4.56 -28.61 7.00
C LEU A 108 5.42 -28.52 8.27
N LYS A 109 6.73 -28.67 8.10
CA LYS A 109 7.65 -28.55 9.21
C LYS A 109 9.06 -28.22 8.73
N ALA A 110 9.82 -27.50 9.56
CA ALA A 110 11.18 -27.12 9.22
C ALA A 110 12.11 -27.34 10.40
N PHE A 111 13.29 -27.90 10.13
CA PHE A 111 14.23 -28.27 11.18
C PHE A 111 15.66 -28.28 10.66
N PRO A 112 16.59 -27.72 11.46
CA PRO A 112 18.02 -27.72 11.11
C PRO A 112 18.64 -29.12 11.22
N LYS A 113 19.53 -29.42 10.28
CA LYS A 113 20.28 -30.67 10.32
C LYS A 113 21.50 -30.56 9.40
N ASP A 114 22.67 -30.86 9.95
CA ASP A 114 23.92 -30.75 9.19
C ASP A 114 24.09 -29.34 8.64
N ASN A 115 23.88 -28.35 9.48
CA ASN A 115 24.08 -26.94 9.11
C ASN A 115 23.16 -26.48 7.98
N MET A 116 22.19 -27.31 7.63
CA MET A 116 21.22 -26.95 6.60
C MET A 116 19.83 -26.91 7.19
N LEU A 117 18.98 -26.02 6.69
CA LEU A 117 17.61 -25.92 7.16
C LEU A 117 16.67 -26.74 6.29
N TRP A 118 16.19 -27.86 6.83
CA TRP A 118 15.37 -28.79 6.07
C TRP A 118 13.87 -28.51 6.20
N VAL A 119 13.17 -28.56 5.07
CA VAL A 119 11.73 -28.40 5.03
C VAL A 119 11.07 -29.67 4.47
N GLU A 120 10.03 -30.14 5.14
CA GLU A 120 9.30 -31.31 4.65
C GLU A 120 7.80 -31.23 4.94
N TRP A 121 7.00 -31.86 4.08
CA TRP A 121 5.55 -31.83 4.20
C TRP A 121 4.95 -33.13 3.68
N THR A 122 3.64 -33.27 3.85
CA THR A 122 2.95 -34.46 3.37
C THR A 122 2.60 -34.32 1.89
N THR A 123 3.05 -35.28 1.09
CA THR A 123 2.74 -35.29 -0.34
C THR A 123 1.24 -35.43 -0.61
N PRO A 124 0.66 -34.41 -1.26
CA PRO A 124 -0.79 -34.27 -1.48
C PRO A 124 -1.38 -35.38 -2.34
N ARG A 125 -2.70 -35.51 -2.32
CA ARG A 125 -3.41 -36.50 -3.13
C ARG A 125 -3.29 -36.18 -4.61
N GLU A 126 -3.63 -34.96 -4.98
CA GLU A 126 -3.53 -34.51 -6.37
C GLU A 126 -2.08 -34.52 -6.85
N SER A 127 -1.90 -34.51 -8.17
CA SER A 127 -0.57 -34.47 -8.75
C SER A 127 -0.09 -33.04 -8.93
N VAL A 128 1.05 -32.73 -8.34
CA VAL A 128 1.60 -31.37 -8.39
C VAL A 128 2.61 -31.22 -9.53
N LYS A 129 2.62 -30.04 -10.15
CA LYS A 129 3.54 -29.75 -11.25
C LYS A 129 4.91 -29.36 -10.71
N LYS A 130 4.92 -28.56 -9.65
CA LYS A 130 6.17 -28.12 -9.02
C LYS A 130 5.91 -27.36 -7.74
N TYR A 131 6.93 -27.25 -6.89
CA TYR A 131 6.82 -26.53 -5.63
C TYR A 131 7.64 -25.25 -5.66
N ILE A 132 7.21 -24.26 -4.89
CA ILE A 132 7.95 -23.02 -4.73
C ILE A 132 8.16 -22.74 -3.25
N LEU A 133 9.41 -22.68 -2.82
CA LEU A 133 9.73 -22.40 -1.42
C LEU A 133 10.31 -21.00 -1.27
N GLU A 134 9.61 -20.15 -0.55
CA GLU A 134 10.08 -18.80 -0.28
C GLU A 134 10.50 -18.69 1.18
N TRP A 135 11.38 -17.75 1.48
CA TRP A 135 11.83 -17.55 2.86
C TRP A 135 12.55 -16.22 3.07
N CYS A 136 12.17 -15.50 4.12
CA CYS A 136 12.79 -14.23 4.47
C CYS A 136 13.06 -14.17 5.96
N VAL A 137 13.98 -13.29 6.36
CA VAL A 137 14.27 -13.10 7.77
C VAL A 137 13.28 -12.13 8.42
N LEU A 138 12.58 -12.59 9.44
CA LEU A 138 11.63 -11.75 10.15
C LEU A 138 12.36 -10.73 11.00
N SER A 139 12.01 -9.46 10.83
CA SER A 139 12.63 -8.39 11.60
C SER A 139 11.65 -7.24 11.84
N ASP A 140 11.99 -6.39 12.80
CA ASP A 140 11.21 -5.19 13.06
C ASP A 140 11.98 -3.97 12.57
N LYS A 141 13.00 -4.21 11.76
CA LYS A 141 13.79 -3.16 11.15
C LYS A 141 14.07 -3.50 9.69
N ALA A 142 13.26 -4.40 9.13
CA ALA A 142 13.40 -4.82 7.75
C ALA A 142 12.15 -5.54 7.26
N PRO A 143 11.73 -5.24 6.02
CA PRO A 143 10.56 -5.88 5.40
C PRO A 143 10.86 -7.33 5.03
N CYS A 144 9.82 -8.06 4.63
CA CYS A 144 9.99 -9.46 4.25
C CYS A 144 10.44 -9.61 2.81
N ILE A 145 11.75 -9.53 2.59
CA ILE A 145 12.32 -9.73 1.27
C ILE A 145 12.73 -11.19 1.11
N THR A 146 12.00 -11.93 0.28
CA THR A 146 12.15 -13.38 0.22
C THR A 146 13.16 -13.88 -0.80
N ASP A 147 13.98 -14.84 -0.38
CA ASP A 147 14.72 -15.66 -1.32
C ASP A 147 13.79 -16.81 -1.66
N TRP A 148 14.13 -17.59 -2.68
CA TRP A 148 13.25 -18.68 -3.10
C TRP A 148 13.98 -19.74 -3.89
N GLN A 149 13.28 -20.83 -4.20
CA GLN A 149 13.80 -21.88 -5.06
C GLN A 149 12.66 -22.70 -5.65
N GLN A 150 12.99 -23.75 -6.38
CA GLN A 150 11.99 -24.52 -7.10
C GLN A 150 12.26 -26.02 -6.99
N GLU A 151 11.20 -26.80 -6.84
CA GLU A 151 11.32 -28.25 -6.72
C GLU A 151 10.34 -28.96 -7.64
N ASP A 152 10.66 -30.20 -8.01
CA ASP A 152 9.79 -30.99 -8.86
C ASP A 152 8.55 -31.44 -8.10
N GLY A 153 7.50 -31.79 -8.83
CA GLY A 153 6.25 -32.20 -8.21
C GLY A 153 6.40 -33.41 -7.32
N THR A 154 7.49 -34.15 -7.50
CA THR A 154 7.72 -35.39 -6.75
C THR A 154 8.23 -35.12 -5.33
N VAL A 155 8.88 -33.98 -5.14
CA VAL A 155 9.53 -33.64 -3.87
C VAL A 155 8.52 -33.47 -2.74
N HIS A 156 8.91 -33.95 -1.55
CA HIS A 156 8.09 -33.80 -0.35
C HIS A 156 9.00 -33.51 0.84
N ARG A 157 10.30 -33.58 0.59
CA ARG A 157 11.31 -33.29 1.61
C ARG A 157 12.52 -32.66 0.93
N THR A 158 12.96 -31.53 1.46
CA THR A 158 14.08 -30.81 0.87
C THR A 158 14.68 -29.81 1.85
N TYR A 159 15.71 -29.10 1.39
CA TYR A 159 16.37 -28.10 2.21
C TYR A 159 16.51 -26.79 1.45
N LEU A 160 16.46 -25.69 2.17
CA LEU A 160 16.61 -24.38 1.54
C LEU A 160 18.01 -24.23 0.96
N ARG A 161 18.08 -23.98 -0.33
CA ARG A 161 19.37 -23.79 -1.02
C ARG A 161 19.80 -22.34 -0.97
N GLY A 162 21.02 -22.10 -0.50
CA GLY A 162 21.54 -20.76 -0.39
C GLY A 162 22.15 -20.49 0.97
N ASN A 163 22.63 -19.27 1.17
CA ASN A 163 23.27 -18.90 2.42
C ASN A 163 22.29 -18.44 3.48
N LEU A 164 22.19 -19.20 4.56
CA LEU A 164 21.29 -18.88 5.66
C LEU A 164 22.10 -18.43 6.88
N ALA A 165 21.54 -17.51 7.65
CA ALA A 165 22.24 -16.94 8.79
C ALA A 165 21.89 -17.64 10.10
N GLU A 166 22.82 -17.61 11.05
CA GLU A 166 22.55 -18.11 12.38
C GLU A 166 21.85 -17.02 13.20
N SER A 167 21.07 -17.44 14.19
CA SER A 167 20.39 -16.51 15.08
C SER A 167 19.33 -15.66 14.39
N LYS A 168 18.93 -16.07 13.19
CA LYS A 168 17.90 -15.34 12.45
C LYS A 168 16.64 -16.17 12.21
N CYS A 169 15.49 -15.57 12.51
CA CYS A 169 14.21 -16.26 12.39
C CYS A 169 13.67 -16.19 10.97
N TYR A 170 13.71 -17.32 10.27
CA TYR A 170 13.23 -17.38 8.90
C TYR A 170 11.76 -17.74 8.82
N LEU A 171 11.03 -17.04 7.96
CA LEU A 171 9.64 -17.36 7.69
C LEU A 171 9.54 -18.10 6.35
N ILE A 172 9.33 -19.40 6.41
CA ILE A 172 9.30 -20.22 5.21
C ILE A 172 7.88 -20.42 4.70
N THR A 173 7.72 -20.44 3.38
CA THR A 173 6.42 -20.65 2.77
C THR A 173 6.52 -21.64 1.62
N VAL A 174 5.75 -22.72 1.71
CA VAL A 174 5.71 -23.71 0.63
C VAL A 174 4.43 -23.54 -0.17
N THR A 175 4.58 -23.48 -1.49
CA THR A 175 3.45 -23.19 -2.37
C THR A 175 3.30 -24.27 -3.45
N PRO A 176 2.23 -25.08 -3.34
CA PRO A 176 1.97 -26.06 -4.40
C PRO A 176 1.68 -25.35 -5.72
N VAL A 177 2.07 -25.94 -6.84
CA VAL A 177 1.78 -25.36 -8.14
C VAL A 177 1.16 -26.39 -9.07
N TYR A 178 -0.04 -26.10 -9.55
CA TYR A 178 -0.73 -26.99 -10.46
C TYR A 178 -0.97 -26.26 -11.78
N ALA A 179 -1.12 -27.02 -12.86
CA ALA A 179 -1.65 -26.46 -14.09
C ALA A 179 -3.07 -26.03 -13.77
N ASP A 180 -3.29 -24.72 -13.71
CA ASP A 180 -4.51 -24.10 -13.19
C ASP A 180 -4.05 -22.79 -12.57
N GLY A 181 -3.07 -22.91 -11.69
CA GLY A 181 -2.57 -21.81 -10.90
C GLY A 181 -1.96 -22.36 -9.62
N PRO A 182 -1.59 -21.47 -8.70
CA PRO A 182 -1.03 -21.83 -7.39
C PRO A 182 -2.04 -22.50 -6.47
N GLY A 183 -1.54 -23.30 -5.52
CA GLY A 183 -2.37 -23.80 -4.44
C GLY A 183 -2.27 -22.84 -3.28
N SER A 184 -3.01 -23.11 -2.20
CA SER A 184 -2.95 -22.25 -1.04
C SER A 184 -1.59 -22.37 -0.36
N PRO A 185 -0.99 -21.23 0.00
CA PRO A 185 0.32 -21.23 0.64
C PRO A 185 0.26 -21.78 2.06
N GLU A 186 1.41 -22.21 2.58
CA GLU A 186 1.52 -22.62 3.97
C GLU A 186 2.87 -22.17 4.50
N SER A 187 2.86 -21.43 5.60
CA SER A 187 4.07 -20.87 6.16
C SER A 187 4.49 -21.50 7.48
N ILE A 188 5.67 -21.15 7.95
CA ILE A 188 6.21 -21.67 9.19
C ILE A 188 7.50 -20.95 9.56
N LYS A 189 7.74 -20.77 10.85
CA LYS A 189 8.93 -20.05 11.31
C LYS A 189 9.97 -21.01 11.87
N ALA A 190 11.24 -20.77 11.58
CA ALA A 190 12.31 -21.64 12.03
C ALA A 190 13.69 -21.00 11.97
N TYR A 191 14.61 -21.51 12.77
CA TYR A 191 15.99 -21.01 12.80
C TYR A 191 16.95 -22.08 12.28
N LEU A 192 18.00 -21.66 11.58
CA LEU A 192 19.07 -22.56 11.19
C LEU A 192 19.82 -23.00 12.44
N LYS A 193 20.19 -22.02 13.25
CA LYS A 193 20.81 -22.27 14.54
C LYS A 193 20.42 -21.14 15.51
N GLN A 194 19.88 -21.51 16.66
CA GLN A 194 19.48 -20.52 17.65
C GLN A 194 20.65 -20.11 18.53
N ALA A 195 20.38 -19.23 19.49
CA ALA A 195 21.41 -18.73 20.39
C ALA A 195 20.82 -17.80 21.44
N PRO A 196 21.53 -17.65 22.57
CA PRO A 196 21.13 -16.70 23.62
C PRO A 196 20.80 -15.33 23.04
N PRO A 197 19.68 -14.73 23.48
CA PRO A 197 19.24 -13.42 23.01
C PRO A 197 20.34 -12.37 23.13
N SER A 198 20.42 -11.47 22.16
CA SER A 198 21.44 -10.43 22.16
C SER A 198 21.10 -9.32 23.14
N LYS A 199 19.91 -9.38 23.71
CA LYS A 199 19.47 -8.38 24.67
C LYS A 199 18.46 -8.96 25.67
N GLY A 200 18.51 -8.47 26.90
CA GLY A 200 17.57 -8.89 27.93
C GLY A 200 16.42 -7.90 28.03
N PRO A 201 15.29 -8.35 28.60
CA PRO A 201 14.11 -7.49 28.72
C PRO A 201 14.36 -6.33 29.68
N THR A 202 13.67 -5.21 29.48
CA THR A 202 13.77 -4.08 30.37
C THR A 202 12.59 -4.07 31.36
N VAL A 203 12.89 -4.40 32.62
CA VAL A 203 11.87 -4.44 33.65
C VAL A 203 11.58 -3.06 34.20
N ARG A 204 10.30 -2.69 34.23
CA ARG A 204 9.87 -1.42 34.80
C ARG A 204 8.64 -1.61 35.66
N THR A 205 8.39 -0.66 36.56
CA THR A 205 7.29 -0.78 37.51
C THR A 205 6.01 -0.11 37.02
N LYS A 206 4.98 -0.91 36.80
CA LYS A 206 3.68 -0.38 36.42
C LYS A 206 3.04 0.30 37.62
N LYS A 207 2.65 -0.50 38.60
CA LYS A 207 2.07 0.02 39.83
C LYS A 207 2.90 -0.39 41.05
N VAL A 208 3.55 0.59 41.67
CA VAL A 208 4.32 0.32 42.88
C VAL A 208 3.40 0.38 44.10
N GLY A 209 3.56 -0.58 45.01
CA GLY A 209 2.72 -0.64 46.19
C GLY A 209 3.50 -0.69 47.48
N LYS A 210 2.80 -0.98 48.57
CA LYS A 210 3.43 -1.05 49.89
C LYS A 210 3.85 -2.47 50.24
N ASN A 211 2.98 -3.43 49.93
CA ASN A 211 3.26 -4.83 50.22
C ASN A 211 3.14 -5.72 48.98
N GLU A 212 3.24 -5.10 47.80
CA GLU A 212 3.15 -5.82 46.54
C GLU A 212 3.48 -4.91 45.36
N ALA A 213 4.18 -5.44 44.37
CA ALA A 213 4.58 -4.66 43.21
C ALA A 213 4.15 -5.31 41.90
N VAL A 214 3.73 -4.48 40.95
CA VAL A 214 3.34 -4.96 39.63
C VAL A 214 4.39 -4.57 38.59
N LEU A 215 5.03 -5.57 38.00
CA LEU A 215 6.09 -5.32 37.03
C LEU A 215 5.62 -5.60 35.60
N GLU A 216 6.14 -4.82 34.66
CA GLU A 216 5.83 -5.00 33.26
C GLU A 216 7.09 -4.87 32.40
N TRP A 217 7.03 -5.42 31.19
CA TRP A 217 8.13 -5.33 30.26
C TRP A 217 7.61 -5.49 28.83
N ASP A 218 8.47 -5.25 27.85
CA ASP A 218 8.09 -5.38 26.46
C ASP A 218 8.76 -6.59 25.83
N GLN A 219 8.00 -7.35 25.04
CA GLN A 219 8.55 -8.49 24.33
C GLN A 219 9.76 -8.07 23.51
N LEU A 220 10.77 -8.93 23.46
CA LEU A 220 11.97 -8.66 22.69
C LEU A 220 11.65 -8.62 21.19
N PRO A 221 12.11 -7.56 20.50
CA PRO A 221 11.94 -7.52 19.04
C PRO A 221 12.55 -8.77 18.41
N VAL A 222 11.88 -9.30 17.38
CA VAL A 222 12.26 -10.58 16.79
C VAL A 222 13.76 -10.68 16.48
N ASP A 223 14.37 -9.57 16.08
CA ASP A 223 15.76 -9.58 15.66
C ASP A 223 16.76 -9.83 16.79
N VAL A 224 16.39 -9.51 18.02
CA VAL A 224 17.30 -9.67 19.15
C VAL A 224 17.13 -11.00 19.86
N GLN A 225 16.02 -11.68 19.61
CA GLN A 225 15.74 -12.97 20.24
C GLN A 225 16.80 -14.01 19.91
N ASN A 226 17.14 -14.13 18.63
CA ASN A 226 18.12 -15.11 18.17
C ASN A 226 17.64 -16.54 18.37
N GLY A 227 16.33 -16.70 18.52
CA GLY A 227 15.73 -18.00 18.75
C GLY A 227 14.41 -17.83 19.45
N PHE A 228 13.57 -18.86 19.41
CA PHE A 228 12.26 -18.81 20.06
C PHE A 228 12.42 -18.68 21.57
N ILE A 229 11.86 -17.62 22.12
CA ILE A 229 11.91 -17.38 23.56
C ILE A 229 11.02 -18.38 24.30
N ARG A 230 11.62 -19.11 25.23
CA ARG A 230 10.91 -20.14 25.97
C ARG A 230 10.29 -19.61 27.27
N ASN A 231 10.99 -18.69 27.92
CA ASN A 231 10.54 -18.18 29.21
C ASN A 231 11.40 -17.02 29.71
N TYR A 232 10.82 -16.21 30.60
CA TYR A 232 11.58 -15.15 31.26
C TYR A 232 11.96 -15.58 32.67
N THR A 233 12.79 -14.79 33.33
CA THR A 233 13.16 -15.06 34.72
C THR A 233 13.42 -13.77 35.47
N ILE A 234 12.65 -13.54 36.52
CA ILE A 234 12.75 -12.32 37.31
C ILE A 234 13.57 -12.53 38.57
N PHE A 235 14.65 -11.76 38.70
CA PHE A 235 15.47 -11.79 39.91
C PHE A 235 15.19 -10.54 40.74
N TYR A 236 15.18 -10.70 42.06
CA TYR A 236 15.04 -9.53 42.94
C TYR A 236 15.58 -9.79 44.35
N ARG A 237 16.08 -8.73 44.97
CA ARG A 237 16.63 -8.81 46.32
C ARG A 237 16.62 -7.42 46.94
N THR A 238 16.99 -7.35 48.22
CA THR A 238 17.16 -6.08 48.90
C THR A 238 18.65 -5.80 49.04
N ILE A 239 19.00 -4.59 49.45
CA ILE A 239 20.39 -4.24 49.68
C ILE A 239 21.03 -5.26 50.61
N ILE A 240 20.23 -5.82 51.53
CA ILE A 240 20.75 -6.71 52.55
C ILE A 240 20.10 -8.10 52.52
N GLY A 241 19.23 -8.34 51.53
CA GLY A 241 18.49 -9.59 51.47
C GLY A 241 19.07 -10.64 50.54
N ASN A 242 18.29 -11.69 50.31
CA ASN A 242 18.66 -12.76 49.39
C ASN A 242 17.98 -12.61 48.03
N GLU A 243 18.58 -13.20 47.00
CA GLU A 243 18.03 -13.09 45.66
C GLU A 243 17.03 -14.20 45.36
N THR A 244 15.81 -13.81 44.99
CA THR A 244 14.77 -14.75 44.61
C THR A 244 14.59 -14.75 43.11
N ALA A 245 14.40 -15.93 42.53
CA ALA A 245 14.17 -16.04 41.10
C ALA A 245 12.78 -16.59 40.82
N VAL A 246 12.16 -16.12 39.75
CA VAL A 246 10.83 -16.59 39.38
C VAL A 246 10.76 -16.87 37.88
N ASN A 247 10.15 -17.98 37.51
CA ASN A 247 9.90 -18.27 36.10
C ASN A 247 8.60 -17.65 35.61
N VAL A 248 8.64 -17.13 34.39
CA VAL A 248 7.47 -16.50 33.79
C VAL A 248 7.24 -17.05 32.39
N ASP A 249 5.99 -17.37 32.08
CA ASP A 249 5.65 -17.86 30.75
C ASP A 249 6.12 -16.85 29.70
N SER A 250 6.53 -17.34 28.55
CA SER A 250 7.06 -16.49 27.49
C SER A 250 6.00 -15.55 26.93
N SER A 251 4.74 -15.80 27.28
CA SER A 251 3.63 -15.00 26.76
C SER A 251 3.21 -13.87 27.70
N HIS A 252 3.81 -13.84 28.89
CA HIS A 252 3.46 -12.86 29.90
C HIS A 252 4.21 -11.54 29.72
N THR A 253 3.51 -10.43 29.97
CA THR A 253 4.12 -9.11 29.89
C THR A 253 3.96 -8.35 31.20
N GLU A 254 3.47 -9.04 32.22
CA GLU A 254 3.29 -8.45 33.55
C GLU A 254 3.30 -9.50 34.65
N TYR A 255 3.94 -9.18 35.77
CA TYR A 255 4.03 -10.08 36.90
C TYR A 255 3.86 -9.30 38.20
N THR A 256 3.31 -9.94 39.22
CA THR A 256 3.01 -9.24 40.47
C THR A 256 3.76 -9.82 41.67
N LEU A 257 4.82 -9.15 42.08
CA LEU A 257 5.59 -9.55 43.25
C LEU A 257 4.74 -9.52 44.51
N SER A 258 4.67 -10.64 45.21
CA SER A 258 3.91 -10.72 46.46
C SER A 258 4.84 -10.57 47.66
N SER A 259 4.24 -10.58 48.86
CA SER A 259 5.00 -10.56 50.10
C SER A 259 6.14 -9.55 50.09
N LEU A 260 5.80 -8.26 49.95
CA LEU A 260 6.81 -7.21 49.96
C LEU A 260 6.75 -6.39 51.25
N THR A 261 7.91 -5.92 51.69
CA THR A 261 7.98 -5.12 52.90
C THR A 261 7.72 -3.66 52.59
N SER A 262 6.89 -3.02 53.41
CA SER A 262 6.57 -1.60 53.22
C SER A 262 7.80 -0.73 53.41
N ASP A 263 7.88 0.36 52.66
CA ASP A 263 9.01 1.28 52.73
C ASP A 263 10.34 0.54 52.66
N THR A 264 10.63 -0.08 51.52
CA THR A 264 11.90 -0.78 51.34
C THR A 264 12.42 -0.57 49.92
N LEU A 265 13.72 -0.75 49.73
CA LEU A 265 14.31 -0.66 48.40
C LEU A 265 14.51 -2.04 47.81
N TYR A 266 14.03 -2.25 46.60
CA TYR A 266 14.20 -3.53 45.91
C TYR A 266 14.99 -3.36 44.62
N MET A 267 15.76 -4.40 44.27
CA MET A 267 16.56 -4.41 43.06
C MET A 267 16.12 -5.56 42.15
N VAL A 268 15.69 -5.21 40.94
CA VAL A 268 15.13 -6.21 40.03
C VAL A 268 15.82 -6.22 38.67
N ARG A 269 15.91 -7.40 38.05
CA ARG A 269 16.40 -7.54 36.70
C ARG A 269 15.78 -8.79 36.09
N MET A 270 15.59 -8.80 34.78
CA MET A 270 14.97 -9.94 34.11
C MET A 270 15.91 -10.63 33.14
N ALA A 271 15.55 -11.85 32.76
CA ALA A 271 16.32 -12.60 31.78
C ALA A 271 15.39 -13.22 30.74
N ALA A 272 15.90 -13.37 29.52
CA ALA A 272 15.16 -14.01 28.46
C ALA A 272 15.92 -15.25 28.01
N TYR A 273 15.21 -16.36 27.83
CA TYR A 273 15.87 -17.62 27.52
C TYR A 273 15.41 -18.23 26.19
N THR A 274 16.40 -18.65 25.39
CA THR A 274 16.15 -19.43 24.20
C THR A 274 16.61 -20.85 24.47
N ASP A 275 16.41 -21.73 23.50
CA ASP A 275 16.83 -23.12 23.66
C ASP A 275 18.32 -23.25 23.89
N GLU A 276 19.06 -22.16 23.70
CA GLU A 276 20.52 -22.20 23.78
C GLU A 276 21.11 -21.27 24.83
N GLY A 277 20.27 -20.75 25.72
CA GLY A 277 20.76 -19.91 26.81
C GLY A 277 19.93 -18.66 27.05
N GLY A 278 20.35 -17.87 28.03
CA GLY A 278 19.62 -16.67 28.39
C GLY A 278 20.45 -15.41 28.42
N LYS A 279 19.79 -14.27 28.62
CA LYS A 279 20.47 -12.98 28.69
C LYS A 279 19.79 -12.08 29.70
N ASP A 280 20.57 -11.49 30.60
CA ASP A 280 20.03 -10.56 31.58
C ASP A 280 19.71 -9.22 30.94
N GLY A 281 18.85 -8.44 31.59
CA GLY A 281 18.53 -7.10 31.13
C GLY A 281 19.17 -6.04 32.01
N PRO A 282 18.73 -4.79 31.87
CA PRO A 282 19.25 -3.71 32.70
C PRO A 282 18.68 -3.79 34.11
N GLU A 283 19.54 -3.63 35.11
CA GLU A 283 19.09 -3.63 36.50
C GLU A 283 18.11 -2.49 36.74
N PHE A 284 17.19 -2.69 37.68
CA PHE A 284 16.13 -1.72 37.95
C PHE A 284 15.89 -1.62 39.45
N THR A 285 15.50 -0.43 39.91
CA THR A 285 15.31 -0.19 41.34
C THR A 285 14.06 0.63 41.61
N PHE A 286 13.41 0.35 42.74
CA PHE A 286 12.25 1.11 43.19
C PHE A 286 12.10 1.01 44.70
N THR A 287 11.04 1.59 45.24
CA THR A 287 10.83 1.61 46.68
C THR A 287 9.35 1.58 47.08
N THR A 288 9.01 0.65 47.96
CA THR A 288 7.63 0.50 48.43
C THR A 288 7.18 1.74 49.21
N GLU B 1 -47.40 8.67 10.21
CA GLU B 1 -47.37 9.56 9.07
C GLU B 1 -47.30 8.80 7.75
N ASP B 2 -46.09 8.41 7.36
CA ASP B 2 -45.88 7.70 6.10
C ASP B 2 -44.45 7.16 6.02
N ARG B 3 -44.23 6.17 5.15
CA ARG B 3 -42.91 5.59 4.98
C ARG B 3 -42.04 6.51 4.13
N PRO B 4 -40.71 6.30 4.17
CA PRO B 4 -39.81 7.13 3.36
C PRO B 4 -40.19 7.07 1.89
N SER B 5 -39.99 8.16 1.17
CA SER B 5 -40.39 8.25 -0.23
C SER B 5 -39.30 7.76 -1.19
N LYS B 6 -38.11 8.35 -1.08
CA LYS B 6 -37.01 8.00 -1.95
C LYS B 6 -35.98 7.13 -1.24
N ALA B 7 -35.28 6.29 -1.99
CA ALA B 7 -34.21 5.47 -1.43
C ALA B 7 -32.97 6.33 -1.18
N PRO B 8 -32.30 6.10 -0.05
CA PRO B 8 -31.14 6.88 0.38
C PRO B 8 -29.97 6.85 -0.61
N SER B 9 -29.13 7.88 -0.56
CA SER B 9 -27.93 7.91 -1.39
C SER B 9 -26.99 6.80 -0.96
N PHE B 10 -26.49 6.03 -1.92
CA PHE B 10 -25.84 4.77 -1.63
C PHE B 10 -24.58 4.55 -2.47
N TRP B 11 -23.42 4.49 -1.80
CA TRP B 11 -22.15 4.25 -2.50
C TRP B 11 -21.16 3.46 -1.64
N TYR B 12 -19.95 3.27 -2.17
CA TYR B 12 -18.95 2.44 -1.51
C TYR B 12 -17.52 2.87 -1.81
N LYS B 13 -16.60 2.46 -0.95
CA LYS B 13 -15.17 2.74 -1.15
C LYS B 13 -14.36 1.52 -0.73
N ILE B 14 -13.78 0.83 -1.71
CA ILE B 14 -13.15 -0.47 -1.45
C ILE B 14 -11.62 -0.40 -1.40
N SER B 17 -5.51 -4.55 -1.91
CA SER B 17 -5.45 -5.96 -1.62
C SER B 17 -4.76 -6.24 -0.29
N HIS B 18 -5.43 -6.99 0.58
CA HIS B 18 -4.82 -7.43 1.83
C HIS B 18 -3.90 -8.59 1.49
N THR B 19 -4.53 -9.73 1.20
CA THR B 19 -3.86 -10.87 0.58
C THR B 19 -4.79 -11.31 -0.53
N GLN B 20 -4.25 -11.92 -1.59
CA GLN B 20 -5.05 -12.32 -2.74
C GLN B 20 -6.34 -13.01 -2.30
N GLY B 21 -7.42 -12.76 -3.03
CA GLY B 21 -8.70 -13.42 -2.78
C GLY B 21 -9.75 -12.57 -2.08
N TYR B 22 -9.30 -11.70 -1.17
CA TYR B 22 -10.23 -10.89 -0.37
C TYR B 22 -9.98 -9.39 -0.50
N ARG B 23 -11.02 -8.61 -0.23
CA ARG B 23 -10.94 -7.15 -0.33
C ARG B 23 -11.92 -6.49 0.65
N THR B 24 -11.46 -5.45 1.33
CA THR B 24 -12.28 -4.74 2.30
C THR B 24 -13.14 -3.67 1.65
N VAL B 25 -14.45 -3.87 1.67
CA VAL B 25 -15.40 -2.91 1.10
C VAL B 25 -16.10 -2.13 2.20
N GLN B 26 -16.10 -0.80 2.07
CA GLN B 26 -16.82 0.04 3.03
C GLN B 26 -18.03 0.69 2.39
N LEU B 27 -19.21 0.18 2.74
CA LEU B 27 -20.47 0.71 2.23
C LEU B 27 -20.84 1.99 2.98
N VAL B 28 -21.25 3.01 2.24
CA VAL B 28 -21.64 4.28 2.84
C VAL B 28 -22.98 4.76 2.30
N TRP B 29 -23.69 5.52 3.12
CA TRP B 29 -24.92 6.16 2.69
C TRP B 29 -25.15 7.46 3.47
N LYS B 30 -26.06 8.29 2.97
CA LYS B 30 -26.32 9.59 3.59
C LYS B 30 -27.67 9.64 4.30
N THR B 31 -27.73 10.42 5.37
CA THR B 31 -28.95 10.60 6.13
C THR B 31 -29.97 11.43 5.34
N LEU B 32 -31.05 10.79 4.94
CA LEU B 32 -32.10 11.47 4.18
C LEU B 32 -32.56 12.75 4.88
N PRO B 33 -32.97 13.74 4.09
CA PRO B 33 -33.53 14.99 4.64
C PRO B 33 -34.79 14.69 5.45
N PRO B 34 -35.06 15.51 6.48
CA PRO B 34 -36.24 15.33 7.32
C PRO B 34 -37.52 15.25 6.49
N PHE B 35 -37.53 15.95 5.36
CA PHE B 35 -38.69 15.99 4.48
C PHE B 35 -38.97 14.63 3.85
N GLU B 36 -37.93 14.01 3.29
CA GLU B 36 -38.08 12.75 2.56
C GLU B 36 -38.14 11.53 3.48
N ALA B 37 -37.72 11.70 4.74
CA ALA B 37 -37.70 10.60 5.70
C ALA B 37 -39.10 10.30 6.23
N ASN B 38 -39.84 11.35 6.57
CA ASN B 38 -41.19 11.21 7.10
C ASN B 38 -41.23 10.63 8.51
N GLY B 39 -40.27 11.02 9.33
CA GLY B 39 -40.21 10.54 10.70
C GLY B 39 -38.82 10.10 11.11
N LYS B 40 -38.63 9.87 12.40
CA LYS B 40 -37.34 9.44 12.93
C LYS B 40 -36.83 8.19 12.22
N ILE B 41 -35.56 8.22 11.82
CA ILE B 41 -34.94 7.08 11.19
C ILE B 41 -34.46 6.07 12.24
N LEU B 42 -35.09 4.90 12.23
CA LEU B 42 -34.81 3.88 13.25
C LEU B 42 -33.57 3.06 12.92
N ASP B 43 -33.50 2.56 11.69
CA ASP B 43 -32.37 1.74 11.25
C ASP B 43 -32.36 1.55 9.75
N TYR B 44 -31.33 0.86 9.25
CA TYR B 44 -31.21 0.57 7.83
C TYR B 44 -31.03 -0.93 7.63
N GLU B 45 -31.18 -1.40 6.39
CA GLU B 45 -30.93 -2.80 6.08
C GLU B 45 -30.19 -2.98 4.76
N VAL B 46 -29.02 -3.62 4.83
CA VAL B 46 -28.23 -3.92 3.65
C VAL B 46 -28.38 -5.39 3.29
N THR B 47 -28.41 -5.69 2.00
CA THR B 47 -28.43 -7.07 1.54
C THR B 47 -27.34 -7.32 0.50
N LEU B 48 -26.27 -7.98 0.91
CA LEU B 48 -25.17 -8.32 0.01
C LEU B 48 -25.43 -9.68 -0.63
N THR B 49 -25.07 -9.81 -1.90
CA THR B 49 -25.27 -11.06 -2.61
C THR B 49 -24.09 -11.37 -3.51
N ARG B 50 -23.32 -12.38 -3.13
CA ARG B 50 -22.16 -12.80 -3.92
C ARG B 50 -22.59 -13.46 -5.22
N TRP B 51 -21.78 -13.28 -6.26
CA TRP B 51 -22.02 -13.90 -7.55
C TRP B 51 -22.32 -15.39 -7.38
N LYS B 52 -23.45 -15.82 -7.94
CA LYS B 52 -23.84 -17.22 -7.92
C LYS B 52 -24.11 -17.76 -6.52
N SER B 53 -24.62 -16.91 -5.64
CA SER B 53 -24.90 -17.31 -4.27
C SER B 53 -26.12 -16.62 -3.67
N HIS B 54 -26.61 -17.17 -2.56
CA HIS B 54 -27.77 -16.61 -1.87
C HIS B 54 -27.42 -15.29 -1.22
N LEU B 55 -28.43 -14.53 -0.79
CA LEU B 55 -28.21 -13.21 -0.22
C LEU B 55 -28.08 -13.25 1.30
N GLN B 56 -27.35 -12.29 1.85
CA GLN B 56 -27.22 -12.14 3.29
C GLN B 56 -27.83 -10.82 3.75
N ASN B 57 -28.56 -10.87 4.87
CA ASN B 57 -29.15 -9.67 5.44
C ASN B 57 -28.26 -9.05 6.51
N TYR B 58 -28.28 -7.72 6.59
CA TYR B 58 -27.57 -7.00 7.64
C TYR B 58 -28.40 -5.82 8.11
N THR B 59 -28.55 -5.68 9.42
CA THR B 59 -29.27 -4.53 9.97
C THR B 59 -28.28 -3.58 10.64
N VAL B 60 -28.14 -2.38 10.09
CA VAL B 60 -27.13 -1.44 10.53
C VAL B 60 -27.71 -0.19 11.18
N ASN B 61 -27.17 0.16 12.34
CA ASN B 61 -27.56 1.38 13.04
C ASN B 61 -26.54 2.49 12.86
N ALA B 62 -26.23 2.80 11.60
CA ALA B 62 -25.25 3.83 11.26
C ALA B 62 -25.47 4.33 9.84
N THR B 63 -24.47 5.02 9.31
CA THR B 63 -24.51 5.46 7.92
C THR B 63 -23.34 4.86 7.14
N LYS B 64 -22.74 3.81 7.70
CA LYS B 64 -21.64 3.10 7.05
C LYS B 64 -21.69 1.62 7.42
N LEU B 65 -21.03 0.80 6.60
CA LEU B 65 -20.94 -0.63 6.85
C LEU B 65 -19.75 -1.24 6.13
N THR B 66 -18.75 -1.67 6.90
CA THR B 66 -17.55 -2.27 6.33
C THR B 66 -17.66 -3.79 6.33
N VAL B 67 -17.34 -4.41 5.21
CA VAL B 67 -17.42 -5.86 5.07
C VAL B 67 -16.28 -6.42 4.23
N ASN B 68 -15.80 -7.61 4.59
CA ASN B 68 -14.77 -8.30 3.82
C ASN B 68 -15.39 -9.16 2.73
N LEU B 69 -15.10 -8.82 1.48
CA LEU B 69 -15.72 -9.50 0.35
C LEU B 69 -14.71 -10.24 -0.53
N THR B 70 -15.21 -11.10 -1.41
CA THR B 70 -14.39 -11.79 -2.38
C THR B 70 -14.17 -10.90 -3.59
N ASN B 71 -13.50 -11.43 -4.61
CA ASN B 71 -13.20 -10.66 -5.81
C ASN B 71 -14.29 -10.78 -6.88
N ASP B 72 -15.41 -11.40 -6.51
CA ASP B 72 -16.50 -11.63 -7.44
C ASP B 72 -17.53 -10.49 -7.40
N ARG B 73 -18.36 -10.42 -8.43
CA ARG B 73 -19.42 -9.41 -8.48
C ARG B 73 -20.37 -9.56 -7.31
N TYR B 74 -20.72 -8.45 -6.69
CA TYR B 74 -21.67 -8.44 -5.58
C TYR B 74 -22.83 -7.52 -5.90
N LEU B 75 -24.03 -7.92 -5.49
CA LEU B 75 -25.17 -7.02 -5.54
C LEU B 75 -25.51 -6.55 -4.13
N ALA B 76 -25.47 -5.24 -3.93
CA ALA B 76 -25.76 -4.67 -2.62
C ALA B 76 -26.99 -3.78 -2.69
N THR B 77 -27.79 -3.78 -1.62
CA THR B 77 -28.95 -2.92 -1.57
C THR B 77 -29.01 -2.18 -0.24
N LEU B 78 -29.92 -1.21 -0.14
CA LEU B 78 -30.12 -0.47 1.10
C LEU B 78 -31.55 0.03 1.20
N THR B 79 -32.11 -0.04 2.41
CA THR B 79 -33.40 0.56 2.68
C THR B 79 -33.34 1.23 4.05
N VAL B 80 -34.06 2.34 4.18
CA VAL B 80 -34.14 3.03 5.46
C VAL B 80 -35.49 2.76 6.10
N ARG B 81 -35.50 2.64 7.43
CA ARG B 81 -36.73 2.34 8.16
C ARG B 81 -37.09 3.46 9.14
N ASN B 82 -38.32 3.95 9.04
CA ASN B 82 -38.84 4.92 9.99
C ASN B 82 -39.95 4.30 10.83
N LEU B 83 -40.76 5.13 11.46
CA LEU B 83 -41.84 4.65 12.33
C LEU B 83 -42.95 3.94 11.55
N VAL B 84 -43.07 4.27 10.27
CA VAL B 84 -44.16 3.75 9.45
C VAL B 84 -43.78 2.55 8.57
N GLY B 85 -42.65 2.65 7.87
CA GLY B 85 -42.23 1.57 6.98
C GLY B 85 -40.81 1.67 6.46
N LYS B 86 -40.55 0.97 5.36
CA LYS B 86 -39.23 0.97 4.75
C LYS B 86 -39.24 1.63 3.37
N SER B 87 -38.22 2.43 3.10
CA SER B 87 -38.10 3.14 1.84
C SER B 87 -37.96 2.19 0.67
N ASP B 88 -37.93 2.73 -0.54
CA ASP B 88 -37.56 1.95 -1.71
C ASP B 88 -36.11 1.55 -1.55
N ALA B 89 -35.63 0.66 -2.40
CA ALA B 89 -34.29 0.12 -2.25
C ALA B 89 -33.26 0.81 -3.15
N ALA B 90 -32.13 1.17 -2.56
CA ALA B 90 -30.98 1.62 -3.33
C ALA B 90 -30.21 0.37 -3.77
N VAL B 91 -29.79 0.33 -5.03
CA VAL B 91 -29.12 -0.85 -5.55
C VAL B 91 -27.75 -0.55 -6.13
N LEU B 92 -26.73 -1.19 -5.57
CA LEU B 92 -25.36 -1.05 -6.07
C LEU B 92 -24.84 -2.37 -6.63
N THR B 93 -23.78 -2.29 -7.42
CA THR B 93 -23.10 -3.47 -7.92
C THR B 93 -21.62 -3.33 -7.68
N ILE B 94 -21.10 -4.09 -6.72
CA ILE B 94 -19.66 -4.16 -6.52
C ILE B 94 -19.07 -5.07 -7.60
N PRO B 95 -18.39 -4.46 -8.58
CA PRO B 95 -17.92 -5.19 -9.77
C PRO B 95 -16.78 -6.13 -9.42
N ALA B 96 -16.73 -7.28 -10.09
CA ALA B 96 -15.62 -8.21 -9.91
C ALA B 96 -14.32 -7.47 -10.19
N CYS B 97 -13.24 -7.89 -9.54
CA CYS B 97 -11.95 -7.23 -9.68
C CYS B 97 -11.55 -7.04 -11.14
N ASP B 98 -11.84 -8.05 -11.96
CA ASP B 98 -11.42 -8.03 -13.37
C ASP B 98 -12.41 -7.31 -14.27
N PHE B 99 -13.19 -6.40 -13.67
CA PHE B 99 -14.20 -5.66 -14.43
C PHE B 99 -13.56 -4.53 -15.25
N GLN B 100 -13.98 -4.43 -16.50
CA GLN B 100 -13.49 -3.37 -17.40
C GLN B 100 -14.57 -2.33 -17.64
N ALA B 101 -14.41 -1.15 -17.05
CA ALA B 101 -15.39 -0.07 -17.18
C ALA B 101 -15.32 0.59 -18.55
N THR B 102 -16.36 1.36 -18.88
CA THR B 102 -16.41 2.05 -20.16
C THR B 102 -17.40 3.21 -20.10
N HIS B 103 -17.43 4.02 -21.16
CA HIS B 103 -18.39 5.10 -21.29
C HIS B 103 -18.25 6.14 -20.17
N PRO B 104 -17.19 6.96 -20.22
CA PRO B 104 -17.00 8.03 -19.24
C PRO B 104 -17.82 9.23 -19.66
N VAL B 105 -18.01 10.20 -18.75
CA VAL B 105 -18.73 11.42 -19.10
C VAL B 105 -17.83 12.27 -20.00
N MET B 106 -18.45 13.10 -20.83
CA MET B 106 -17.71 13.94 -21.76
C MET B 106 -17.71 15.39 -21.32
N ASP B 107 -16.65 16.11 -21.65
CA ASP B 107 -16.61 17.57 -21.46
C ASP B 107 -16.89 17.98 -20.03
N LEU B 108 -16.14 17.41 -19.09
CA LEU B 108 -16.32 17.69 -17.67
C LEU B 108 -15.59 18.97 -17.26
N LYS B 109 -16.30 19.88 -16.58
CA LYS B 109 -15.69 21.13 -16.12
C LYS B 109 -16.34 21.62 -14.82
N ALA B 110 -15.70 22.60 -14.18
CA ALA B 110 -16.18 23.14 -12.92
C ALA B 110 -15.99 24.65 -12.83
N PHE B 111 -16.94 25.34 -12.20
CA PHE B 111 -16.88 26.79 -12.09
C PHE B 111 -17.54 27.30 -10.81
N PRO B 112 -16.92 28.30 -10.17
CA PRO B 112 -17.43 28.90 -8.93
C PRO B 112 -18.60 29.84 -9.16
N LYS B 113 -19.49 29.95 -8.19
CA LYS B 113 -20.64 30.85 -8.25
C LYS B 113 -21.32 30.93 -6.88
N ASP B 114 -21.40 32.13 -6.33
CA ASP B 114 -21.98 32.32 -5.00
C ASP B 114 -21.33 31.40 -3.97
N ASN B 115 -20.00 31.43 -3.91
CA ASN B 115 -19.26 30.65 -2.93
C ASN B 115 -19.53 29.16 -3.03
N MET B 116 -19.91 28.70 -4.22
CA MET B 116 -20.18 27.29 -4.45
C MET B 116 -19.57 26.81 -5.77
N LEU B 117 -18.99 25.63 -5.75
CA LEU B 117 -18.30 25.10 -6.92
C LEU B 117 -19.21 24.20 -7.75
N TRP B 118 -19.68 24.72 -8.89
CA TRP B 118 -20.56 23.97 -9.78
C TRP B 118 -19.79 23.04 -10.69
N VAL B 119 -20.29 21.81 -10.83
CA VAL B 119 -19.70 20.83 -11.74
C VAL B 119 -20.72 20.45 -12.81
N GLU B 120 -20.25 20.32 -14.05
CA GLU B 120 -21.15 19.93 -15.14
C GLU B 120 -20.43 19.17 -16.25
N TRP B 121 -21.22 18.51 -17.09
CA TRP B 121 -20.69 17.66 -18.15
C TRP B 121 -21.77 17.42 -19.20
N THR B 122 -21.41 16.74 -20.27
CA THR B 122 -22.37 16.41 -21.32
C THR B 122 -23.02 15.06 -21.04
N THR B 123 -24.34 15.05 -20.98
CA THR B 123 -25.10 13.82 -20.76
C THR B 123 -24.83 12.82 -21.89
N PRO B 124 -24.13 11.72 -21.56
CA PRO B 124 -23.68 10.72 -22.54
C PRO B 124 -24.79 10.21 -23.44
N ARG B 125 -24.40 9.69 -24.60
CA ARG B 125 -25.35 9.09 -25.53
C ARG B 125 -25.71 7.68 -25.08
N GLU B 126 -26.29 7.60 -23.88
CA GLU B 126 -26.70 6.32 -23.30
C GLU B 126 -27.41 6.57 -21.98
N SER B 127 -28.43 5.77 -21.70
CA SER B 127 -29.20 5.92 -20.46
C SER B 127 -28.35 5.65 -19.23
N VAL B 128 -28.31 6.63 -18.32
CA VAL B 128 -27.59 6.48 -17.06
C VAL B 128 -28.56 6.47 -15.89
N LYS B 129 -28.36 5.53 -14.97
CA LYS B 129 -29.25 5.38 -13.82
C LYS B 129 -28.97 6.45 -12.76
N LYS B 130 -27.70 6.72 -12.50
CA LYS B 130 -27.33 7.77 -11.56
C LYS B 130 -25.86 8.19 -11.70
N TYR B 131 -25.53 9.34 -11.12
CA TYR B 131 -24.15 9.82 -11.10
C TYR B 131 -23.61 9.81 -9.68
N ILE B 132 -22.29 9.76 -9.55
CA ILE B 132 -21.65 9.89 -8.24
C ILE B 132 -20.50 10.87 -8.32
N LEU B 133 -20.56 11.92 -7.51
CA LEU B 133 -19.50 12.93 -7.47
C LEU B 133 -18.66 12.80 -6.22
N GLU B 134 -17.34 12.68 -6.41
CA GLU B 134 -16.40 12.59 -5.30
C GLU B 134 -15.36 13.69 -5.40
N TRP B 135 -15.05 14.33 -4.28
CA TRP B 135 -14.08 15.41 -4.29
C TRP B 135 -13.21 15.39 -3.04
N CYS B 136 -11.92 15.70 -3.22
CA CYS B 136 -10.98 15.72 -2.12
C CYS B 136 -9.87 16.75 -2.35
N VAL B 137 -9.29 17.25 -1.27
CA VAL B 137 -8.20 18.21 -1.35
C VAL B 137 -6.91 17.52 -1.77
N LEU B 138 -6.09 18.22 -2.53
CA LEU B 138 -4.76 17.73 -2.89
C LEU B 138 -3.70 18.45 -2.07
N SER B 139 -2.84 17.68 -1.42
CA SER B 139 -1.82 18.25 -0.55
C SER B 139 -0.67 17.28 -0.35
N ASP B 140 0.52 17.80 -0.09
CA ASP B 140 1.67 16.98 0.20
C ASP B 140 1.72 16.66 1.68
N LYS B 141 0.89 17.37 2.44
CA LYS B 141 0.79 17.16 3.89
C LYS B 141 -0.54 16.51 4.25
N ALA B 142 -1.11 15.75 3.32
CA ALA B 142 -2.38 15.08 3.53
C ALA B 142 -2.72 14.15 2.37
N PRO B 143 -3.34 13.01 2.68
CA PRO B 143 -3.79 12.04 1.67
C PRO B 143 -5.01 12.56 0.91
N CYS B 144 -5.90 11.65 0.51
CA CYS B 144 -7.07 12.04 -0.27
C CYS B 144 -8.38 11.59 0.39
N ILE B 145 -8.82 12.37 1.38
CA ILE B 145 -10.09 12.10 2.06
C ILE B 145 -11.26 12.54 1.19
N THR B 146 -11.97 11.56 0.63
CA THR B 146 -13.03 11.84 -0.33
C THR B 146 -14.41 12.05 0.29
N ASP B 147 -15.04 13.16 -0.07
CA ASP B 147 -16.44 13.39 0.26
C ASP B 147 -17.23 13.13 -1.02
N TRP B 148 -18.52 12.83 -0.90
CA TRP B 148 -19.29 12.45 -2.08
C TRP B 148 -20.74 12.95 -2.07
N GLN B 149 -21.42 12.71 -3.19
CA GLN B 149 -22.85 13.02 -3.34
C GLN B 149 -23.39 12.29 -4.56
N GLN B 150 -24.71 12.22 -4.67
CA GLN B 150 -25.33 11.48 -5.77
C GLN B 150 -26.32 12.33 -6.57
N GLU B 151 -26.38 12.09 -7.88
CA GLU B 151 -27.28 12.83 -8.76
C GLU B 151 -28.03 11.89 -9.69
N ASP B 152 -29.26 12.27 -10.05
CA ASP B 152 -30.09 11.44 -10.91
C ASP B 152 -29.58 11.38 -12.34
N GLY B 153 -30.01 10.36 -13.07
CA GLY B 153 -29.54 10.13 -14.42
C GLY B 153 -29.84 11.24 -15.41
N THR B 154 -30.66 12.20 -14.99
CA THR B 154 -31.02 13.32 -15.84
C THR B 154 -30.06 14.50 -15.66
N VAL B 155 -29.48 14.61 -14.48
CA VAL B 155 -28.62 15.73 -14.13
C VAL B 155 -27.47 15.94 -15.11
N HIS B 156 -27.28 17.19 -15.53
CA HIS B 156 -26.17 17.55 -16.40
C HIS B 156 -25.24 18.52 -15.67
N ARG B 157 -25.80 19.25 -14.71
CA ARG B 157 -25.04 20.22 -13.94
C ARG B 157 -25.56 20.33 -12.51
N THR B 158 -24.62 20.39 -11.56
CA THR B 158 -24.97 20.54 -10.15
C THR B 158 -23.81 21.17 -9.38
N TYR B 159 -24.05 21.52 -8.13
CA TYR B 159 -22.97 22.05 -7.29
C TYR B 159 -22.69 21.10 -6.13
N LEU B 160 -21.45 21.13 -5.65
CA LEU B 160 -21.01 20.22 -4.60
C LEU B 160 -21.65 20.53 -3.25
N ARG B 161 -22.29 19.52 -2.65
CA ARG B 161 -22.96 19.69 -1.37
C ARG B 161 -22.02 19.37 -0.21
N GLY B 162 -21.34 20.40 0.27
CA GLY B 162 -20.43 20.27 1.39
C GLY B 162 -19.75 21.59 1.72
N ASN B 163 -19.06 21.63 2.85
CA ASN B 163 -18.31 22.82 3.25
C ASN B 163 -16.92 22.80 2.63
N LEU B 164 -16.71 23.66 1.63
CA LEU B 164 -15.44 23.66 0.91
C LEU B 164 -14.50 24.78 1.38
N ALA B 165 -13.20 24.54 1.24
CA ALA B 165 -12.19 25.49 1.69
C ALA B 165 -11.64 26.31 0.53
N GLU B 166 -11.23 27.54 0.83
CA GLU B 166 -10.62 28.41 -0.18
C GLU B 166 -9.13 28.12 -0.35
N SER B 167 -8.59 28.49 -1.50
CA SER B 167 -7.15 28.39 -1.76
C SER B 167 -6.61 26.96 -1.73
N LYS B 168 -7.51 25.99 -1.82
CA LYS B 168 -7.10 24.58 -1.87
C LYS B 168 -7.52 23.94 -3.18
N CYS B 169 -6.64 23.11 -3.74
CA CYS B 169 -6.91 22.43 -4.99
C CYS B 169 -7.77 21.18 -4.76
N TYR B 170 -8.92 21.14 -5.42
CA TYR B 170 -9.83 20.00 -5.28
C TYR B 170 -9.79 19.08 -6.49
N LEU B 171 -9.72 17.78 -6.23
CA LEU B 171 -9.73 16.77 -7.29
C LEU B 171 -11.11 16.16 -7.43
N ILE B 172 -11.92 16.71 -8.33
CA ILE B 172 -13.29 16.25 -8.50
C ILE B 172 -13.34 15.07 -9.46
N THR B 173 -14.19 14.09 -9.13
CA THR B 173 -14.35 12.90 -9.97
C THR B 173 -15.81 12.52 -10.12
N VAL B 174 -16.30 12.49 -11.36
CA VAL B 174 -17.68 12.14 -11.64
C VAL B 174 -17.78 10.74 -12.23
N THR B 175 -18.64 9.91 -11.65
CA THR B 175 -18.78 8.53 -12.10
C THR B 175 -20.23 8.22 -12.46
N PRO B 176 -20.45 7.70 -13.68
CA PRO B 176 -21.77 7.31 -14.15
C PRO B 176 -22.09 5.86 -13.78
N VAL B 177 -23.33 5.60 -13.37
CA VAL B 177 -23.75 4.24 -13.06
C VAL B 177 -24.81 3.78 -14.05
N TYR B 178 -24.45 2.83 -14.92
CA TYR B 178 -25.36 2.32 -15.92
C TYR B 178 -26.09 1.09 -15.39
N ALA B 179 -27.07 0.62 -16.16
CA ALA B 179 -27.80 -0.59 -15.80
C ALA B 179 -26.84 -1.74 -15.53
N ASP B 180 -25.81 -1.84 -16.36
CA ASP B 180 -24.82 -2.90 -16.26
C ASP B 180 -23.96 -2.75 -15.01
N GLY B 181 -23.51 -1.52 -14.76
CA GLY B 181 -22.67 -1.23 -13.61
C GLY B 181 -22.00 0.12 -13.76
N PRO B 182 -20.94 0.36 -12.97
CA PRO B 182 -20.21 1.64 -13.02
C PRO B 182 -19.62 1.89 -14.40
N GLY B 183 -19.37 3.16 -14.70
CA GLY B 183 -18.65 3.54 -15.90
C GLY B 183 -17.28 4.04 -15.48
N SER B 184 -16.40 4.28 -16.44
CA SER B 184 -15.07 4.75 -16.12
C SER B 184 -15.13 6.16 -15.55
N PRO B 185 -14.43 6.39 -14.43
CA PRO B 185 -14.40 7.70 -13.76
C PRO B 185 -13.73 8.75 -14.65
N GLU B 186 -14.04 10.01 -14.41
CA GLU B 186 -13.37 11.10 -15.10
C GLU B 186 -12.97 12.17 -14.09
N SER B 187 -11.69 12.51 -14.06
CA SER B 187 -11.17 13.41 -13.05
C SER B 187 -10.88 14.81 -13.59
N ILE B 188 -10.83 15.77 -12.68
CA ILE B 188 -10.66 17.17 -13.04
C ILE B 188 -10.28 18.00 -11.81
N LYS B 189 -9.22 18.78 -11.92
CA LYS B 189 -8.76 19.61 -10.81
C LYS B 189 -9.43 20.98 -10.83
N ALA B 190 -9.85 21.46 -9.67
CA ALA B 190 -10.54 22.74 -9.58
C ALA B 190 -10.38 23.41 -8.23
N TYR B 191 -10.33 24.75 -8.25
CA TYR B 191 -10.26 25.54 -7.04
C TYR B 191 -11.59 26.24 -6.79
N LEU B 192 -11.97 26.39 -5.53
CA LEU B 192 -13.17 27.16 -5.18
C LEU B 192 -12.85 28.64 -5.23
N LYS B 193 -11.65 28.99 -4.78
CA LYS B 193 -11.20 30.37 -4.80
C LYS B 193 -9.68 30.43 -4.81
N GLN B 194 -9.11 30.72 -5.98
CA GLN B 194 -7.67 30.85 -6.12
C GLN B 194 -7.16 32.07 -5.36
N ALA B 195 -5.84 32.19 -5.26
CA ALA B 195 -5.22 33.31 -4.55
C ALA B 195 -3.74 33.39 -4.89
N PRO B 196 -3.13 34.55 -4.64
CA PRO B 196 -1.68 34.67 -4.83
C PRO B 196 -0.98 33.65 -3.95
N PRO B 197 0.09 33.02 -4.47
CA PRO B 197 0.84 32.03 -3.69
C PRO B 197 1.31 32.62 -2.36
N SER B 198 1.37 31.79 -1.32
CA SER B 198 1.83 32.23 -0.03
C SER B 198 3.36 32.24 0.02
N LYS B 199 3.97 31.52 -0.93
CA LYS B 199 5.42 31.46 -1.02
C LYS B 199 5.88 31.70 -2.46
N GLY B 200 7.13 32.14 -2.61
CA GLY B 200 7.72 32.36 -3.92
C GLY B 200 8.94 31.48 -4.10
N PRO B 201 9.29 31.19 -5.36
CA PRO B 201 10.43 30.31 -5.68
C PRO B 201 11.75 30.81 -5.11
N THR B 202 12.51 29.89 -4.51
CA THR B 202 13.87 30.19 -4.07
C THR B 202 14.85 29.82 -5.17
N VAL B 203 15.50 30.83 -5.73
CA VAL B 203 16.39 30.63 -6.87
C VAL B 203 17.84 30.46 -6.41
N ARG B 204 18.62 29.74 -7.20
CA ARG B 204 20.04 29.53 -6.94
C ARG B 204 20.77 29.26 -8.24
N THR B 205 22.06 29.58 -8.28
CA THR B 205 22.85 29.42 -9.50
C THR B 205 23.25 27.98 -9.73
N LYS B 206 23.51 27.65 -10.99
CA LYS B 206 24.02 26.34 -11.36
C LYS B 206 25.42 26.54 -11.93
N LYS B 207 25.52 27.40 -12.94
CA LYS B 207 26.81 27.80 -13.49
C LYS B 207 26.77 29.31 -13.75
N VAL B 208 27.93 29.96 -13.61
CA VAL B 208 28.00 31.40 -13.80
C VAL B 208 29.16 31.79 -14.71
N GLY B 209 28.85 32.06 -15.97
CA GLY B 209 29.86 32.49 -16.93
C GLY B 209 30.01 34.00 -16.95
N LYS B 210 31.00 34.47 -17.69
CA LYS B 210 31.32 35.90 -17.76
C LYS B 210 30.17 36.72 -18.35
N ASN B 211 29.31 36.08 -19.13
CA ASN B 211 28.21 36.77 -19.79
C ASN B 211 26.88 36.02 -19.72
N GLU B 212 26.95 34.74 -19.36
CA GLU B 212 25.75 33.92 -19.25
C GLU B 212 25.67 33.23 -17.90
N ALA B 213 24.49 33.22 -17.30
CA ALA B 213 24.27 32.57 -16.01
C ALA B 213 23.08 31.62 -16.06
N VAL B 214 23.19 30.49 -15.36
CA VAL B 214 22.13 29.51 -15.35
C VAL B 214 21.47 29.41 -13.98
N LEU B 215 20.17 29.72 -13.93
CA LEU B 215 19.43 29.70 -12.68
C LEU B 215 18.60 28.41 -12.57
N GLU B 216 18.34 27.99 -11.34
CA GLU B 216 17.51 26.81 -11.10
C GLU B 216 16.71 27.00 -9.81
N TRP B 217 15.77 26.09 -9.56
CA TRP B 217 14.93 26.17 -8.38
C TRP B 217 14.02 24.95 -8.23
N ASP B 218 13.05 25.05 -7.33
CA ASP B 218 12.09 23.98 -7.09
C ASP B 218 10.67 24.48 -7.31
N GLN B 219 9.79 23.58 -7.71
CA GLN B 219 8.38 23.92 -7.89
C GLN B 219 7.73 24.12 -6.53
N LEU B 220 6.90 25.16 -6.41
CA LEU B 220 6.15 25.39 -5.19
C LEU B 220 5.25 24.20 -4.92
N PRO B 221 5.36 23.61 -3.73
CA PRO B 221 4.45 22.51 -3.36
C PRO B 221 3.01 22.98 -3.50
N VAL B 222 2.14 22.09 -3.99
CA VAL B 222 0.74 22.45 -4.24
C VAL B 222 0.09 23.14 -3.05
N ASP B 223 0.68 22.93 -1.87
CA ASP B 223 0.15 23.50 -0.63
C ASP B 223 0.11 25.02 -0.68
N VAL B 224 1.24 25.63 -1.05
CA VAL B 224 1.38 27.07 -1.00
C VAL B 224 1.05 27.78 -2.31
N GLN B 225 0.68 27.01 -3.33
CA GLN B 225 0.31 27.59 -4.62
C GLN B 225 -0.97 28.41 -4.51
N ASN B 226 -1.96 27.86 -3.80
CA ASN B 226 -3.23 28.54 -3.58
C ASN B 226 -3.99 28.80 -4.89
N GLY B 227 -3.53 28.18 -5.97
CA GLY B 227 -4.15 28.35 -7.27
C GLY B 227 -3.25 27.85 -8.38
N PHE B 228 -3.84 27.57 -9.54
CA PHE B 228 -3.07 27.09 -10.68
C PHE B 228 -1.99 28.08 -11.06
N ILE B 229 -0.74 27.64 -11.02
CA ILE B 229 0.40 28.48 -11.36
C ILE B 229 0.44 28.78 -12.86
N ARG B 230 0.04 29.99 -13.22
CA ARG B 230 -0.01 30.38 -14.63
C ARG B 230 1.37 30.57 -15.24
N ASN B 231 2.27 31.19 -14.48
CA ASN B 231 3.65 31.36 -14.92
C ASN B 231 4.56 31.88 -13.82
N TYR B 232 5.87 31.84 -14.09
CA TYR B 232 6.85 32.48 -13.24
C TYR B 232 7.23 33.82 -13.85
N THR B 233 8.17 34.51 -13.24
CA THR B 233 8.71 35.75 -13.78
C THR B 233 10.01 36.08 -13.07
N ILE B 234 11.08 36.25 -13.86
CA ILE B 234 12.39 36.54 -13.31
C ILE B 234 12.74 38.02 -13.43
N PHE B 235 13.01 38.64 -12.28
CA PHE B 235 13.42 40.03 -12.24
C PHE B 235 14.90 40.10 -11.94
N TYR B 236 15.62 40.95 -12.66
CA TYR B 236 17.04 41.15 -12.41
C TYR B 236 17.53 42.53 -12.85
N ARG B 237 18.57 43.01 -12.18
CA ARG B 237 19.15 44.32 -12.49
C ARG B 237 20.59 44.38 -12.02
N THR B 238 21.29 45.41 -12.46
CA THR B 238 22.66 45.64 -12.03
C THR B 238 22.82 47.09 -11.58
N ILE B 239 24.02 47.44 -11.13
CA ILE B 239 24.28 48.76 -10.55
C ILE B 239 23.80 49.92 -11.43
N ILE B 240 23.96 49.78 -12.74
CA ILE B 240 23.58 50.84 -13.67
C ILE B 240 22.70 50.31 -14.80
N GLY B 241 21.39 50.37 -14.61
CA GLY B 241 20.45 49.94 -15.63
C GLY B 241 19.11 49.51 -15.07
N ASN B 242 18.04 50.01 -15.67
CA ASN B 242 16.68 49.64 -15.27
C ASN B 242 16.51 48.13 -15.27
N GLU B 243 15.71 47.62 -14.34
CA GLU B 243 15.59 46.17 -14.16
C GLU B 243 14.86 45.48 -15.31
N THR B 244 15.27 44.24 -15.58
CA THR B 244 14.68 43.46 -16.66
C THR B 244 13.65 42.48 -16.12
N ALA B 245 12.56 42.31 -16.85
CA ALA B 245 11.50 41.38 -16.47
C ALA B 245 11.38 40.25 -17.49
N VAL B 246 11.80 39.05 -17.10
CA VAL B 246 11.76 37.89 -17.99
C VAL B 246 10.68 36.89 -17.58
N ASN B 247 9.88 36.46 -18.54
CA ASN B 247 8.80 35.50 -18.29
C ASN B 247 9.26 34.05 -18.43
N VAL B 248 8.71 33.16 -17.61
CA VAL B 248 9.13 31.76 -17.61
C VAL B 248 7.95 30.81 -17.48
N ASP B 249 8.01 29.69 -18.21
CA ASP B 249 6.94 28.68 -18.19
C ASP B 249 6.78 28.01 -16.83
N SER B 250 5.54 27.69 -16.49
CA SER B 250 5.20 27.16 -15.17
C SER B 250 5.94 25.87 -14.80
N SER B 251 6.19 25.02 -15.79
CA SER B 251 6.81 23.73 -15.54
C SER B 251 8.31 23.74 -15.78
N HIS B 252 8.88 24.94 -15.85
CA HIS B 252 10.31 25.09 -16.07
C HIS B 252 11.06 25.24 -14.75
N THR B 253 12.08 24.41 -14.55
CA THR B 253 12.87 24.44 -13.33
C THR B 253 14.20 25.17 -13.53
N GLU B 254 14.56 25.39 -14.80
CA GLU B 254 15.79 26.11 -15.12
C GLU B 254 15.57 27.18 -16.19
N TYR B 255 16.33 28.26 -16.08
CA TYR B 255 16.36 29.31 -17.08
C TYR B 255 17.77 29.87 -17.18
N THR B 256 18.03 30.69 -18.19
CA THR B 256 19.38 31.21 -18.39
C THR B 256 19.40 32.67 -18.81
N LEU B 257 20.29 33.44 -18.19
CA LEU B 257 20.42 34.87 -18.45
C LEU B 257 21.64 35.14 -19.33
N SER B 258 21.41 35.77 -20.48
CA SER B 258 22.49 36.01 -21.43
C SER B 258 22.81 37.50 -21.61
N SER B 259 23.90 37.78 -22.31
CA SER B 259 24.33 39.14 -22.57
C SER B 259 24.59 39.92 -21.28
N LEU B 260 25.28 39.27 -20.35
CA LEU B 260 25.61 39.91 -19.07
C LEU B 260 26.95 40.63 -19.14
N THR B 261 27.32 41.30 -18.05
CA THR B 261 28.58 42.04 -18.00
C THR B 261 29.59 41.34 -17.11
N SER B 262 30.75 41.01 -17.67
CA SER B 262 31.79 40.32 -16.94
C SER B 262 32.18 41.05 -15.66
N ASP B 263 32.65 40.31 -14.66
CA ASP B 263 33.07 40.88 -13.39
C ASP B 263 32.10 41.94 -12.87
N THR B 264 30.80 41.63 -12.93
CA THR B 264 29.77 42.55 -12.45
C THR B 264 28.74 41.82 -11.60
N LEU B 265 28.04 42.57 -10.75
CA LEU B 265 27.08 41.99 -9.81
C LEU B 265 25.65 42.06 -10.31
N TYR B 266 24.86 41.04 -10.00
CA TYR B 266 23.47 40.99 -10.41
C TYR B 266 22.53 40.53 -9.30
N MET B 267 21.40 41.21 -9.18
CA MET B 267 20.38 40.87 -8.19
C MET B 267 19.17 40.24 -8.86
N VAL B 268 18.74 39.09 -8.36
CA VAL B 268 17.65 38.34 -8.98
C VAL B 268 16.53 38.01 -8.00
N ARG B 269 15.35 37.77 -8.54
CA ARG B 269 14.21 37.34 -7.73
C ARG B 269 13.09 36.81 -8.61
N MET B 270 12.46 35.71 -8.19
CA MET B 270 11.39 35.09 -8.97
C MET B 270 10.03 35.27 -8.30
N ALA B 271 9.01 35.47 -9.12
CA ALA B 271 7.65 35.56 -8.63
C ALA B 271 6.80 34.46 -9.24
N ALA B 272 5.97 33.83 -8.42
CA ALA B 272 5.02 32.85 -8.91
C ALA B 272 3.65 33.50 -9.01
N TYR B 273 2.98 33.30 -10.14
CA TYR B 273 1.70 33.96 -10.39
C TYR B 273 0.53 32.99 -10.55
N THR B 274 -0.60 33.36 -9.95
CA THR B 274 -1.86 32.67 -10.20
C THR B 274 -2.75 33.61 -10.99
N ASP B 275 -4.05 33.35 -10.98
CA ASP B 275 -5.01 34.20 -11.67
C ASP B 275 -5.39 35.39 -10.80
N GLU B 276 -5.00 35.34 -9.53
CA GLU B 276 -5.37 36.38 -8.58
C GLU B 276 -4.18 37.21 -8.13
N GLY B 277 -3.03 36.99 -8.77
CA GLY B 277 -1.84 37.76 -8.46
C GLY B 277 -0.59 36.92 -8.33
N GLY B 278 0.53 37.56 -8.01
CA GLY B 278 1.79 36.87 -7.87
C GLY B 278 2.39 37.03 -6.49
N LYS B 279 3.52 36.37 -6.26
CA LYS B 279 4.21 36.42 -4.97
C LYS B 279 5.71 36.25 -5.16
N ASP B 280 6.46 37.30 -4.84
CA ASP B 280 7.91 37.26 -4.97
C ASP B 280 8.54 36.24 -4.03
N GLY B 281 9.72 35.76 -4.41
CA GLY B 281 10.47 34.85 -3.56
C GLY B 281 11.67 35.57 -2.97
N PRO B 282 12.54 34.84 -2.27
CA PRO B 282 13.74 35.43 -1.66
C PRO B 282 14.66 36.02 -2.71
N GLU B 283 15.13 37.24 -2.47
CA GLU B 283 16.08 37.89 -3.38
C GLU B 283 17.40 37.11 -3.40
N PHE B 284 18.14 37.27 -4.50
CA PHE B 284 19.32 36.45 -4.74
C PHE B 284 20.39 37.28 -5.43
N THR B 285 21.62 36.80 -5.40
CA THR B 285 22.74 37.58 -5.95
C THR B 285 23.91 36.70 -6.41
N PHE B 286 24.62 37.20 -7.42
CA PHE B 286 25.86 36.55 -7.86
C PHE B 286 26.76 37.53 -8.62
N THR B 287 28.05 37.33 -8.51
CA THR B 287 29.03 38.13 -9.24
C THR B 287 29.70 37.22 -10.26
N THR B 288 29.74 37.66 -11.51
CA THR B 288 30.28 36.84 -12.59
C THR B 288 31.80 36.93 -12.72
C1 EDO C . -5.76 -25.71 -7.92
O1 EDO C . -4.68 -25.27 -8.75
C2 EDO C . -6.37 -24.53 -7.20
O2 EDO C . -5.41 -23.97 -6.29
CL CL D . 15.83 -23.54 -8.16
CL CL E . -26.29 12.96 -2.06
CL CL F . -11.17 29.97 -8.72
CL CL G . 15.52 42.42 -8.22
#